data_2YA3
#
_entry.id   2YA3
#
_cell.length_a   48.943
_cell.length_b   124.060
_cell.length_c   125.315
_cell.angle_alpha   90.00
_cell.angle_beta   90.00
_cell.angle_gamma   90.00
#
_symmetry.space_group_name_H-M   'P 21 21 21'
#
loop_
_entity.id
_entity.type
_entity.pdbx_description
1 polymer "5'-AMP-ACTIVATED PROTEIN KINASE CATALYTIC SUBUNIT ALPHA-1"
2 polymer "5'-AMP-ACTIVATED PROTEIN KINASE SUBUNIT BETA-2"
3 polymer "5'-AMP-ACTIVATED PROTEIN KINASE SUBUNIT GAMMA-1"
4 non-polymer "3'-(7-diethylaminocoumarin-3-carbonylamino)-3'-deoxy-ADP"
5 non-polymer 'ADENOSINE MONOPHOSPHATE'
6 water water
#
loop_
_entity_poly.entity_id
_entity_poly.type
_entity_poly.pdbx_seq_one_letter_code
_entity_poly.pdbx_strand_id
1 'polypeptide(L)'
;MSHHHHHHSGLVPRGSMAWHLGIRSQSRPNDIMAEVCRAIKQLDYEWKVVNPYYLRVRRKNPVTSTFSKMSLQLYQVDSR
TYLLDFRSIDDEITEAKSGTATPQRSGSISNYRSCQRSDSDAEAQGKPSEVSLTSSVTSLDSSPVDVAPRPGSHTIEFFE
MCANLIKNSCTVN
;
A
2 'polypeptide(L)'
;MGPYGQEMYAFRSEERFKSPPILPPHLLQVILNKDTNISCDPALLPEPNHVMLNHLYALSIKDSVMVLSATHRYKKKYVT
TLLYKPI
;
B
3 'polypeptide(L)'
;MESVAAESAPAPENEHSQETPESNSSVYTTFMKSHRCYDLIPTSSKLVVFDTSLQVKKAFFALVTNGVRAAPLWDSKKQS
FVGMLTITDFINILHRYYKSALVQIYELEEHKIETWREVYLQDSFKPLVCISPNASLFDAVSSLIRNKIHRLPVIDPESG
NTLYILTHKRILKFLKLFITEFPKPEFMSKSLEELQIGTYANIAMVRTTTPVYVALGIFVQHRVSALPVVDEKGRVVDIY
SKFDVINLAAEKTYNNLDVSVTKALQHRSHYFEGVLKCYLHETLEAIINRLVEAEVHRLVVVDEHDVVKGIVSLSDILQA
LVLTGGEKKP
;
E
#
# COMPACT_ATOMS: atom_id res chain seq x y z
N MET A 17 5.10 -15.15 7.07
CA MET A 17 4.02 -14.57 7.92
C MET A 17 2.93 -15.59 8.20
N ALA A 18 2.70 -15.86 9.48
CA ALA A 18 1.59 -16.70 9.92
C ALA A 18 0.38 -15.84 10.32
N TRP A 19 -0.69 -15.95 9.54
CA TRP A 19 -1.93 -15.23 9.82
C TRP A 19 -2.89 -16.08 10.65
N HIS A 20 -3.43 -15.49 11.71
CA HIS A 20 -4.36 -16.19 12.59
C HIS A 20 -5.78 -15.65 12.48
N LEU A 21 -6.75 -16.55 12.36
CA LEU A 21 -8.16 -16.18 12.34
C LEU A 21 -8.61 -15.74 13.75
N GLY A 22 -9.11 -14.51 13.85
CA GLY A 22 -9.52 -13.93 15.12
C GLY A 22 -8.51 -14.03 16.26
N ILE A 23 -9.01 -14.23 17.47
CA ILE A 23 -8.16 -14.43 18.65
C ILE A 23 -8.58 -15.67 19.43
N ARG A 24 -7.62 -16.32 20.07
CA ARG A 24 -7.89 -17.53 20.84
C ARG A 24 -7.79 -17.26 22.33
N SER A 25 -8.55 -18.04 23.10
CA SER A 25 -8.58 -17.92 24.55
C SER A 25 -8.91 -19.27 25.20
N GLN A 26 -8.41 -19.46 26.41
CA GLN A 26 -8.72 -20.65 27.19
C GLN A 26 -9.66 -20.32 28.35
N SER A 27 -10.13 -19.08 28.38
CA SER A 27 -11.14 -18.63 29.35
C SER A 27 -12.47 -19.33 29.08
N ARG A 28 -13.36 -19.36 30.08
CA ARG A 28 -14.66 -20.00 29.94
C ARG A 28 -15.54 -19.29 28.91
N PRO A 29 -16.21 -20.05 28.03
CA PRO A 29 -17.09 -19.51 26.98
C PRO A 29 -18.08 -18.45 27.50
N ASN A 30 -18.72 -18.71 28.64
CA ASN A 30 -19.65 -17.76 29.25
C ASN A 30 -18.96 -16.50 29.77
N ASP A 31 -17.72 -16.64 30.21
CA ASP A 31 -16.94 -15.49 30.66
C ASP A 31 -16.42 -14.66 29.49
N ILE A 32 -16.13 -15.31 28.37
CA ILE A 32 -15.75 -14.62 27.14
C ILE A 32 -16.94 -13.79 26.64
N MET A 33 -18.11 -14.41 26.59
CA MET A 33 -19.34 -13.76 26.13
C MET A 33 -19.73 -12.58 27.01
N ALA A 34 -19.76 -12.80 28.31
CA ALA A 34 -20.12 -11.75 29.26
C ALA A 34 -19.19 -10.56 29.11
N GLU A 35 -17.91 -10.83 28.88
CA GLU A 35 -16.92 -9.77 28.78
C GLU A 35 -16.96 -8.98 27.47
N VAL A 36 -17.21 -9.65 26.34
CA VAL A 36 -17.39 -8.91 25.09
C VAL A 36 -18.68 -8.08 25.15
N CYS A 37 -19.73 -8.63 25.78
CA CYS A 37 -21.00 -7.92 25.97
C CYS A 37 -20.86 -6.66 26.83
N ARG A 38 -20.07 -6.74 27.90
CA ARG A 38 -19.77 -5.57 28.74
C ARG A 38 -18.95 -4.54 27.97
N ALA A 39 -17.97 -5.01 27.20
CA ALA A 39 -17.13 -4.12 26.38
C ALA A 39 -17.93 -3.37 25.32
N ILE A 40 -18.87 -4.08 24.69
CA ILE A 40 -19.79 -3.48 23.72
C ILE A 40 -20.59 -2.34 24.35
N LYS A 41 -21.14 -2.63 25.53
CA LYS A 41 -21.90 -1.66 26.31
C LYS A 41 -21.06 -0.43 26.70
N GLN A 42 -19.83 -0.68 27.15
CA GLN A 42 -18.92 0.39 27.55
C GLN A 42 -18.46 1.23 26.36
N LEU A 43 -18.60 0.68 25.15
CA LEU A 43 -18.19 1.35 23.92
C LEU A 43 -19.33 2.08 23.20
N ASP A 44 -20.54 1.94 23.73
CA ASP A 44 -21.75 2.55 23.13
C ASP A 44 -22.13 1.95 21.77
N TYR A 45 -21.75 0.70 21.54
CA TYR A 45 -22.20 -0.01 20.34
C TYR A 45 -23.58 -0.60 20.61
N GLU A 46 -24.39 -0.71 19.56
CA GLU A 46 -25.64 -1.48 19.61
C GLU A 46 -25.31 -2.94 19.31
N TRP A 47 -26.08 -3.86 19.89
CA TRP A 47 -25.89 -5.28 19.61
C TRP A 47 -27.18 -6.08 19.66
N LYS A 48 -27.19 -7.21 18.95
CA LYS A 48 -28.25 -8.20 19.04
C LYS A 48 -27.62 -9.56 19.34
N VAL A 49 -28.29 -10.32 20.21
CA VAL A 49 -27.88 -11.68 20.53
C VAL A 49 -28.65 -12.67 19.62
N VAL A 50 -27.98 -13.16 18.57
CA VAL A 50 -28.59 -14.11 17.64
C VAL A 50 -28.73 -15.49 18.28
N ASN A 51 -27.62 -15.98 18.83
CA ASN A 51 -27.62 -17.13 19.73
C ASN A 51 -26.52 -16.90 20.77
N PRO A 52 -26.42 -17.76 21.81
CA PRO A 52 -25.47 -17.48 22.91
C PRO A 52 -24.00 -17.31 22.48
N TYR A 53 -23.64 -17.76 21.28
CA TYR A 53 -22.27 -17.60 20.79
C TYR A 53 -22.15 -16.76 19.53
N TYR A 54 -23.21 -16.01 19.23
CA TYR A 54 -23.32 -15.27 17.98
C TYR A 54 -23.98 -13.91 18.22
N LEU A 55 -23.20 -12.86 17.98
CA LEU A 55 -23.64 -11.47 18.21
C LEU A 55 -23.51 -10.62 16.95
N ARG A 56 -24.53 -9.82 16.69
CA ARG A 56 -24.46 -8.75 15.69
C ARG A 56 -24.18 -7.44 16.40
N VAL A 57 -23.19 -6.70 15.91
CA VAL A 57 -22.75 -5.44 16.52
C VAL A 57 -22.90 -4.29 15.54
N ARG A 58 -23.39 -3.16 16.04
CA ARG A 58 -23.63 -1.97 15.24
C ARG A 58 -23.10 -0.73 15.97
N ARG A 59 -22.40 0.13 15.24
CA ARG A 59 -21.81 1.34 15.82
C ARG A 59 -22.08 2.58 14.97
N LYS A 60 -22.47 3.67 15.62
CA LYS A 60 -22.48 4.97 14.98
C LYS A 60 -21.11 5.62 15.16
N ASN A 61 -20.52 6.07 14.06
CA ASN A 61 -19.21 6.73 14.08
C ASN A 61 -19.29 8.16 14.65
N PRO A 62 -18.46 8.45 15.68
CA PRO A 62 -18.46 9.75 16.36
C PRO A 62 -18.14 10.93 15.45
N VAL A 63 -17.31 10.69 14.44
CA VAL A 63 -16.89 11.75 13.52
C VAL A 63 -17.79 11.82 12.27
N THR A 64 -17.90 10.69 11.56
CA THR A 64 -18.58 10.63 10.27
C THR A 64 -20.11 10.62 10.35
N SER A 65 -20.63 10.03 11.42
CA SER A 65 -22.07 9.81 11.62
C SER A 65 -22.63 8.62 10.83
N THR A 66 -21.74 7.87 10.17
CA THR A 66 -22.11 6.65 9.45
C THR A 66 -22.08 5.43 10.37
N PHE A 67 -22.71 4.35 9.93
CA PHE A 67 -22.84 3.16 10.75
C PHE A 67 -21.96 2.01 10.28
N SER A 68 -21.36 1.31 11.23
CA SER A 68 -20.52 0.14 10.97
C SER A 68 -21.08 -1.10 11.64
N LYS A 69 -21.16 -2.19 10.88
CA LYS A 69 -21.75 -3.44 11.35
C LYS A 69 -20.77 -4.60 11.25
N MET A 70 -20.76 -5.46 12.26
CA MET A 70 -19.96 -6.70 12.25
C MET A 70 -20.62 -7.82 13.03
N SER A 71 -20.08 -9.03 12.85
CA SER A 71 -20.51 -10.21 13.58
C SER A 71 -19.40 -10.76 14.46
N LEU A 72 -19.79 -11.30 15.61
CA LEU A 72 -18.88 -12.03 16.49
C LEU A 72 -19.40 -13.45 16.67
N GLN A 73 -18.51 -14.43 16.50
CA GLN A 73 -18.87 -15.83 16.66
C GLN A 73 -17.78 -16.58 17.39
N LEU A 74 -18.17 -17.29 18.45
CA LEU A 74 -17.22 -18.11 19.20
C LEU A 74 -17.27 -19.56 18.77
N TYR A 75 -16.08 -20.13 18.59
CA TYR A 75 -15.92 -21.51 18.17
C TYR A 75 -15.07 -22.26 19.19
N GLN A 76 -15.23 -23.59 19.20
CA GLN A 76 -14.33 -24.45 19.96
C GLN A 76 -13.34 -25.08 18.98
N VAL A 77 -12.05 -24.88 19.21
CA VAL A 77 -11.01 -25.43 18.34
C VAL A 77 -10.33 -26.68 18.94
N ASP A 78 -10.36 -26.77 20.27
CA ASP A 78 -10.03 -28.01 21.01
C ASP A 78 -10.69 -27.98 22.39
N SER A 79 -10.46 -29.05 23.16
CA SER A 79 -11.17 -29.29 24.43
C SER A 79 -11.02 -28.20 25.50
N ARG A 80 -10.00 -27.36 25.37
CA ARG A 80 -9.75 -26.28 26.32
C ARG A 80 -9.64 -24.89 25.67
N THR A 81 -9.65 -24.86 24.34
CA THR A 81 -9.38 -23.61 23.60
C THR A 81 -10.56 -23.16 22.73
N TYR A 82 -10.84 -21.86 22.77
CA TYR A 82 -11.90 -21.27 21.98
C TYR A 82 -11.35 -20.19 21.05
N LEU A 83 -12.11 -19.88 20.00
CA LEU A 83 -11.68 -18.97 18.95
C LEU A 83 -12.78 -17.94 18.69
N LEU A 84 -12.43 -16.66 18.86
CA LEU A 84 -13.37 -15.57 18.62
C LEU A 84 -13.17 -15.00 17.22
N ASP A 85 -14.21 -15.14 16.40
CA ASP A 85 -14.18 -14.77 14.98
C ASP A 85 -14.91 -13.44 14.74
N PHE A 86 -14.31 -12.58 13.93
CA PHE A 86 -14.84 -11.25 13.63
C PHE A 86 -15.11 -11.16 12.14
N ARG A 87 -16.34 -10.85 11.77
CA ARG A 87 -16.71 -10.76 10.35
C ARG A 87 -17.44 -9.46 10.04
N SER A 88 -16.92 -8.71 9.07
CA SER A 88 -17.55 -7.46 8.66
C SER A 88 -18.82 -7.73 7.86
N ILE A 89 -19.79 -6.83 7.97
CA ILE A 89 -21.08 -7.00 7.31
C ILE A 89 -21.29 -5.92 6.24
N ASP A 90 -21.52 -6.37 5.01
CA ASP A 90 -21.79 -5.48 3.87
C ASP A 90 -23.19 -4.86 3.97
N ASP A 91 -23.27 -3.55 3.77
CA ASP A 91 -24.54 -2.81 3.85
C ASP A 91 -25.48 -3.05 2.67
N GLU A 92 -26.48 -2.16 2.51
CA GLU A 92 -27.52 -2.26 1.46
C GLU A 92 -28.18 -3.64 1.37
N VAL A 147 -9.26 15.99 -6.97
CA VAL A 147 -10.15 15.09 -6.23
C VAL A 147 -9.55 14.71 -4.87
N ALA A 148 -10.27 15.06 -3.80
CA ALA A 148 -9.87 14.76 -2.43
C ALA A 148 -10.93 13.93 -1.71
N PRO A 149 -10.51 12.93 -0.90
CA PRO A 149 -11.47 12.00 -0.30
C PRO A 149 -12.18 12.57 0.93
N ARG A 150 -13.44 12.19 1.09
CA ARG A 150 -14.19 12.53 2.29
C ARG A 150 -13.77 11.58 3.42
N PRO A 151 -14.02 11.95 4.70
CA PRO A 151 -13.71 11.02 5.78
C PRO A 151 -14.51 9.72 5.69
N GLY A 152 -13.89 8.61 6.07
CA GLY A 152 -14.57 7.32 6.13
C GLY A 152 -13.95 6.22 5.31
N SER A 153 -13.93 5.01 5.89
CA SER A 153 -13.57 3.77 5.19
C SER A 153 -14.12 2.57 5.96
N HIS A 154 -15.09 1.89 5.34
CA HIS A 154 -15.74 0.74 5.96
C HIS A 154 -14.74 -0.30 6.47
N THR A 155 -13.75 -0.64 5.65
CA THR A 155 -12.73 -1.64 6.00
C THR A 155 -11.89 -1.22 7.21
N ILE A 156 -11.37 0.00 7.19
CA ILE A 156 -10.52 0.46 8.29
C ILE A 156 -11.33 0.58 9.59
N GLU A 157 -12.55 1.10 9.48
CA GLU A 157 -13.45 1.23 10.63
C GLU A 157 -13.82 -0.12 11.23
N PHE A 158 -13.94 -1.14 10.37
CA PHE A 158 -14.10 -2.51 10.84
C PHE A 158 -12.89 -2.93 11.69
N PHE A 159 -11.67 -2.67 11.21
CA PHE A 159 -10.46 -2.99 11.98
C PHE A 159 -10.43 -2.27 13.33
N GLU A 160 -10.87 -1.02 13.32
CA GLU A 160 -10.90 -0.19 14.53
C GLU A 160 -11.93 -0.66 15.55
N MET A 161 -13.10 -1.11 15.08
CA MET A 161 -14.12 -1.71 15.94
C MET A 161 -13.58 -2.95 16.62
N CYS A 162 -12.96 -3.83 15.84
CA CYS A 162 -12.36 -5.05 16.35
C CYS A 162 -11.31 -4.74 17.41
N ALA A 163 -10.41 -3.83 17.07
CA ALA A 163 -9.34 -3.40 17.98
C ALA A 163 -9.92 -2.88 19.28
N ASN A 164 -10.85 -1.94 19.20
CA ASN A 164 -11.47 -1.34 20.39
C ASN A 164 -12.18 -2.37 21.25
N LEU A 165 -12.86 -3.32 20.61
CA LEU A 165 -13.52 -4.42 21.29
C LEU A 165 -12.54 -5.35 22.02
N ILE A 166 -11.46 -5.73 21.35
CA ILE A 166 -10.42 -6.56 21.96
C ILE A 166 -9.78 -5.85 23.15
N LYS A 167 -9.33 -4.61 22.93
CA LYS A 167 -8.66 -3.81 23.97
C LYS A 167 -9.50 -3.69 25.25
N ASN A 168 -10.81 -3.63 25.11
CA ASN A 168 -11.70 -3.38 26.23
C ASN A 168 -12.35 -4.62 26.85
N SER A 169 -12.11 -5.80 26.28
CA SER A 169 -12.71 -7.02 26.80
C SER A 169 -11.71 -8.04 27.36
N CYS A 170 -10.43 -7.92 27.00
CA CYS A 170 -9.45 -8.93 27.38
C CYS A 170 -8.02 -8.41 27.52
N THR A 171 -7.16 -9.27 28.06
CA THR A 171 -5.74 -8.97 28.26
C THR A 171 -4.89 -10.12 27.70
N VAL A 172 -3.64 -9.84 27.37
CA VAL A 172 -2.69 -10.86 26.92
C VAL A 172 -2.12 -11.62 28.12
N GLY B 5 -57.04 -24.34 37.21
CA GLY B 5 -56.64 -25.61 36.53
C GLY B 5 -55.27 -26.08 36.94
N GLN B 6 -54.80 -27.15 36.30
CA GLN B 6 -53.49 -27.73 36.61
C GLN B 6 -52.34 -26.80 36.22
N GLU B 7 -51.27 -26.87 37.00
CA GLU B 7 -50.03 -26.16 36.69
C GLU B 7 -49.38 -26.74 35.43
N MET B 8 -48.64 -25.90 34.71
CA MET B 8 -48.01 -26.31 33.46
C MET B 8 -46.50 -26.48 33.62
N TYR B 9 -45.92 -27.24 32.69
CA TYR B 9 -44.51 -27.59 32.77
C TYR B 9 -43.70 -27.08 31.59
N ALA B 10 -42.40 -26.89 31.82
CA ALA B 10 -41.51 -26.34 30.81
C ALA B 10 -40.39 -27.31 30.46
N PHE B 11 -40.15 -27.49 29.17
CA PHE B 11 -39.08 -28.34 28.68
C PHE B 11 -38.04 -27.52 27.93
N ARG B 12 -36.87 -27.32 28.54
CA ARG B 12 -35.78 -26.54 27.95
C ARG B 12 -34.63 -27.45 27.53
N SER B 13 -34.16 -27.27 26.29
CA SER B 13 -33.08 -28.09 25.72
C SER B 13 -31.72 -27.92 26.41
N GLU B 14 -31.42 -26.70 26.83
CA GLU B 14 -30.26 -26.36 27.69
C GLU B 14 -28.86 -26.62 27.09
N GLU B 15 -28.58 -27.87 26.74
CA GLU B 15 -27.26 -28.29 26.28
C GLU B 15 -26.99 -28.12 24.78
N ARG B 16 -27.94 -27.52 24.08
CA ARG B 16 -27.77 -27.18 22.66
C ARG B 16 -26.67 -26.14 22.51
N PHE B 17 -26.51 -25.31 23.54
CA PHE B 17 -25.51 -24.26 23.56
C PHE B 17 -24.69 -24.29 24.85
N LYS B 18 -24.42 -25.50 25.37
CA LYS B 18 -23.56 -25.67 26.53
C LYS B 18 -22.11 -25.44 26.13
N SER B 19 -21.77 -25.87 24.92
CA SER B 19 -20.47 -25.61 24.35
C SER B 19 -20.63 -24.82 23.04
N PRO B 20 -19.68 -23.92 22.73
CA PRO B 20 -19.68 -23.25 21.43
C PRO B 20 -19.57 -24.27 20.30
N PRO B 21 -20.08 -23.92 19.11
CA PRO B 21 -19.98 -24.83 17.97
C PRO B 21 -18.51 -25.08 17.60
N ILE B 22 -18.22 -26.29 17.11
CA ILE B 22 -16.89 -26.60 16.62
C ILE B 22 -16.66 -25.84 15.31
N LEU B 23 -15.40 -25.46 15.08
CA LEU B 23 -15.02 -24.76 13.86
C LEU B 23 -15.13 -25.70 12.66
N PRO B 24 -15.93 -25.31 11.64
CA PRO B 24 -16.07 -26.13 10.43
C PRO B 24 -14.77 -26.16 9.61
N PRO B 25 -14.32 -27.35 9.19
CA PRO B 25 -13.04 -27.57 8.50
C PRO B 25 -12.76 -26.69 7.27
N HIS B 26 -13.78 -26.01 6.74
CA HIS B 26 -13.57 -25.09 5.63
C HIS B 26 -12.96 -23.76 6.08
N LEU B 27 -13.31 -23.30 7.28
CA LEU B 27 -12.71 -22.13 7.91
C LEU B 27 -11.39 -22.50 8.57
N LEU B 28 -10.27 -22.06 7.99
CA LEU B 28 -8.96 -22.41 8.53
C LEU B 28 -8.35 -21.36 9.45
N GLN B 29 -7.78 -21.82 10.56
CA GLN B 29 -7.24 -20.97 11.63
C GLN B 29 -6.00 -20.20 11.20
N VAL B 30 -5.13 -20.86 10.45
CA VAL B 30 -3.84 -20.30 10.08
C VAL B 30 -3.69 -20.23 8.57
N ILE B 31 -3.29 -19.05 8.08
CA ILE B 31 -2.89 -18.87 6.68
C ILE B 31 -1.41 -18.47 6.64
N LEU B 32 -0.64 -19.15 5.80
CA LEU B 32 0.74 -18.74 5.54
C LEU B 32 0.79 -17.79 4.34
N ASN B 33 1.82 -16.96 4.28
CA ASN B 33 1.84 -15.79 3.38
C ASN B 33 2.44 -15.86 1.95
N LYS B 34 3.59 -16.51 1.66
CA LYS B 34 4.36 -17.48 2.48
C LYS B 34 3.58 -18.75 2.82
N HIS B 50 -12.64 -19.68 -2.39
CA HIS B 50 -12.90 -19.68 -0.95
C HIS B 50 -13.99 -18.68 -0.55
N VAL B 51 -14.25 -18.60 0.75
CA VAL B 51 -15.02 -17.51 1.34
C VAL B 51 -14.51 -17.19 2.77
N MET B 52 -13.25 -16.77 2.82
CA MET B 52 -12.68 -16.18 4.04
C MET B 52 -12.96 -14.68 4.04
N LEU B 53 -13.76 -14.25 3.07
CA LEU B 53 -14.13 -12.85 2.90
C LEU B 53 -14.70 -12.26 4.18
N ASN B 54 -14.23 -11.06 4.51
CA ASN B 54 -14.75 -10.25 5.61
C ASN B 54 -14.31 -10.69 7.01
N HIS B 55 -13.62 -11.83 7.10
CA HIS B 55 -13.12 -12.33 8.37
C HIS B 55 -11.82 -11.64 8.78
N LEU B 56 -11.69 -11.36 10.08
CA LEU B 56 -10.49 -10.72 10.60
C LEU B 56 -9.35 -11.72 10.76
N TYR B 57 -8.18 -11.33 10.29
CA TYR B 57 -6.92 -12.04 10.53
C TYR B 57 -5.91 -11.13 11.21
N ALA B 58 -4.88 -11.73 11.82
CA ALA B 58 -3.89 -10.98 12.58
C ALA B 58 -2.57 -11.74 12.69
N LEU B 59 -1.48 -10.97 12.67
CA LEU B 59 -0.16 -11.47 13.04
C LEU B 59 -0.05 -11.48 14.56
N SER B 60 0.82 -12.34 15.07
CA SER B 60 1.22 -12.28 16.47
C SER B 60 1.77 -10.89 16.76
N ILE B 61 1.30 -10.28 17.84
CA ILE B 61 1.76 -8.95 18.22
C ILE B 61 3.27 -8.93 18.48
N LYS B 62 3.96 -8.07 17.73
CA LYS B 62 5.40 -7.88 17.85
C LYS B 62 5.73 -6.42 18.13
N ASP B 63 6.58 -6.21 19.13
CA ASP B 63 7.06 -4.88 19.55
C ASP B 63 6.00 -3.77 19.56
N SER B 64 4.91 -4.02 20.29
CA SER B 64 3.83 -3.05 20.52
C SER B 64 3.02 -2.64 19.28
N VAL B 65 3.21 -3.35 18.16
CA VAL B 65 2.39 -3.10 16.97
C VAL B 65 1.49 -4.29 16.61
N MET B 66 0.22 -4.00 16.32
CA MET B 66 -0.66 -5.04 15.79
C MET B 66 -0.92 -4.87 14.30
N VAL B 67 -0.94 -6.00 13.62
CA VAL B 67 -1.29 -6.04 12.20
C VAL B 67 -2.61 -6.77 12.02
N LEU B 68 -3.63 -6.02 11.63
CA LEU B 68 -4.95 -6.57 11.34
C LEU B 68 -5.13 -6.69 9.84
N SER B 69 -5.86 -7.73 9.43
CA SER B 69 -6.02 -8.03 8.00
C SER B 69 -7.37 -8.65 7.68
N ALA B 70 -7.81 -8.43 6.44
CA ALA B 70 -9.09 -8.95 5.95
C ALA B 70 -9.17 -8.80 4.43
N THR B 71 -10.00 -9.62 3.79
CA THR B 71 -10.21 -9.55 2.35
C THR B 71 -11.65 -9.12 2.04
N HIS B 72 -11.80 -8.13 1.17
CA HIS B 72 -13.13 -7.61 0.83
C HIS B 72 -13.34 -7.56 -0.68
N ARG B 73 -14.60 -7.68 -1.08
CA ARG B 73 -14.98 -7.71 -2.47
C ARG B 73 -15.54 -6.37 -2.87
N TYR B 74 -15.12 -5.88 -4.03
CA TYR B 74 -15.75 -4.76 -4.69
C TYR B 74 -16.00 -5.19 -6.13
N LYS B 75 -17.27 -5.31 -6.48
CA LYS B 75 -17.70 -5.88 -7.75
C LYS B 75 -17.00 -7.24 -7.94
N LYS B 76 -16.13 -7.34 -8.94
CA LYS B 76 -15.39 -8.58 -9.20
C LYS B 76 -13.96 -8.61 -8.63
N LYS B 77 -13.59 -7.58 -7.87
CA LYS B 77 -12.21 -7.47 -7.40
C LYS B 77 -12.08 -7.72 -5.90
N TYR B 78 -10.95 -8.32 -5.52
CA TYR B 78 -10.66 -8.63 -4.14
C TYR B 78 -9.41 -7.88 -3.72
N VAL B 79 -9.51 -7.20 -2.58
CA VAL B 79 -8.36 -6.54 -1.98
C VAL B 79 -8.17 -7.04 -0.55
N THR B 80 -6.95 -7.47 -0.24
CA THR B 80 -6.57 -7.83 1.10
C THR B 80 -5.90 -6.60 1.70
N THR B 81 -6.56 -6.01 2.69
CA THR B 81 -6.04 -4.83 3.38
C THR B 81 -5.34 -5.25 4.67
N LEU B 82 -4.17 -4.66 4.91
CA LEU B 82 -3.44 -4.80 6.17
C LEU B 82 -3.37 -3.44 6.82
N LEU B 83 -3.75 -3.38 8.10
CA LEU B 83 -3.60 -2.17 8.90
C LEU B 83 -2.53 -2.36 9.97
N TYR B 84 -1.50 -1.52 9.92
CA TYR B 84 -0.47 -1.49 10.95
C TYR B 84 -0.85 -0.39 11.93
N LYS B 85 -0.98 -0.77 13.20
CA LYS B 85 -1.54 0.09 14.23
C LYS B 85 -0.86 -0.13 15.60
N PRO B 86 -0.29 0.94 16.18
CA PRO B 86 0.29 0.79 17.53
C PRO B 86 -0.78 0.49 18.58
N ILE B 87 -0.41 -0.31 19.58
CA ILE B 87 -1.30 -0.61 20.71
C ILE B 87 -1.70 0.66 21.46
N SER C 25 -5.99 14.43 -30.08
CA SER C 25 -6.81 13.18 -30.02
C SER C 25 -6.23 12.09 -30.92
N SER C 26 -6.16 10.88 -30.37
CA SER C 26 -5.62 9.72 -31.07
C SER C 26 -6.26 8.44 -30.53
N VAL C 27 -5.81 7.30 -31.03
CA VAL C 27 -6.27 5.99 -30.58
C VAL C 27 -5.99 5.75 -29.08
N TYR C 28 -4.99 6.45 -28.53
CA TYR C 28 -4.65 6.36 -27.11
C TYR C 28 -5.58 7.20 -26.25
N THR C 29 -5.83 8.43 -26.69
CA THR C 29 -6.74 9.35 -26.01
C THR C 29 -8.17 8.79 -25.97
N THR C 30 -8.61 8.22 -27.09
CA THR C 30 -9.93 7.60 -27.19
C THR C 30 -10.07 6.43 -26.22
N PHE C 31 -9.03 5.60 -26.16
CA PHE C 31 -8.99 4.43 -25.29
C PHE C 31 -9.08 4.82 -23.82
N MET C 32 -8.27 5.79 -23.43
CA MET C 32 -8.19 6.25 -22.03
C MET C 32 -9.48 6.89 -21.55
N LYS C 33 -10.13 7.66 -22.42
CA LYS C 33 -11.37 8.35 -22.07
C LYS C 33 -12.57 7.42 -21.97
N SER C 34 -12.46 6.21 -22.53
CA SER C 34 -13.57 5.25 -22.56
C SER C 34 -13.38 4.05 -21.63
N HIS C 35 -12.31 4.06 -20.84
CA HIS C 35 -12.08 3.00 -19.85
C HIS C 35 -12.03 3.56 -18.44
N ARG C 36 -12.61 2.81 -17.50
CA ARG C 36 -12.61 3.18 -16.09
C ARG C 36 -11.37 2.63 -15.38
N CYS C 37 -10.99 3.30 -14.29
CA CYS C 37 -9.89 2.84 -13.45
C CYS C 37 -10.13 1.44 -12.91
N TYR C 38 -11.40 1.12 -12.67
CA TYR C 38 -11.82 -0.21 -12.25
C TYR C 38 -11.24 -1.31 -13.14
N ASP C 39 -11.24 -1.06 -14.45
CA ASP C 39 -10.81 -2.03 -15.44
C ASP C 39 -9.34 -2.45 -15.31
N LEU C 40 -8.56 -1.63 -14.59
CA LEU C 40 -7.12 -1.83 -14.44
C LEU C 40 -6.73 -2.66 -13.22
N ILE C 41 -7.63 -2.75 -12.25
CA ILE C 41 -7.36 -3.42 -10.98
C ILE C 41 -7.29 -4.94 -11.21
N PRO C 42 -6.23 -5.60 -10.71
CA PRO C 42 -6.20 -7.06 -10.84
C PRO C 42 -7.28 -7.71 -9.97
N THR C 43 -7.67 -8.94 -10.31
CA THR C 43 -8.69 -9.68 -9.57
C THR C 43 -8.38 -9.70 -8.08
N SER C 44 -7.10 -9.83 -7.78
CA SER C 44 -6.68 -10.01 -6.40
C SER C 44 -5.41 -9.20 -6.10
N SER C 45 -5.48 -8.34 -5.09
CA SER C 45 -4.35 -7.48 -4.73
C SER C 45 -4.21 -7.26 -3.22
N LYS C 46 -3.05 -6.74 -2.84
CA LYS C 46 -2.66 -6.55 -1.45
C LYS C 46 -2.50 -5.05 -1.20
N LEU C 47 -2.98 -4.59 -0.05
CA LEU C 47 -2.85 -3.18 0.30
C LEU C 47 -2.43 -3.02 1.76
N VAL C 48 -1.36 -2.25 1.96
CA VAL C 48 -0.84 -1.99 3.30
C VAL C 48 -1.24 -0.57 3.70
N VAL C 49 -1.85 -0.44 4.88
CA VAL C 49 -2.26 0.86 5.40
C VAL C 49 -1.62 1.12 6.76
N PHE C 50 -1.16 2.36 6.95
CA PHE C 50 -0.54 2.79 8.19
C PHE C 50 -1.39 3.80 8.92
N ASP C 51 -1.69 3.52 10.18
CA ASP C 51 -2.19 4.52 11.10
C ASP C 51 -1.08 5.55 11.30
N THR C 52 -1.43 6.84 11.31
CA THR C 52 -0.43 7.91 11.39
C THR C 52 0.37 7.98 12.71
N SER C 53 -0.07 7.27 13.75
CA SER C 53 0.64 7.29 15.03
C SER C 53 1.71 6.18 15.13
N LEU C 54 1.85 5.40 14.06
CA LEU C 54 2.87 4.36 13.98
C LEU C 54 4.25 5.00 13.85
N GLN C 55 5.25 4.36 14.46
CA GLN C 55 6.63 4.81 14.29
C GLN C 55 7.11 4.64 12.85
N VAL C 56 7.80 5.67 12.37
CA VAL C 56 8.37 5.72 11.03
C VAL C 56 9.31 4.54 10.72
N LYS C 57 10.22 4.24 11.65
CA LYS C 57 11.16 3.14 11.49
C LYS C 57 10.42 1.82 11.23
N LYS C 58 9.27 1.65 11.88
CA LYS C 58 8.46 0.46 11.74
C LYS C 58 7.68 0.43 10.43
N ALA C 59 7.20 1.58 9.99
CA ALA C 59 6.46 1.70 8.73
C ALA C 59 7.30 1.34 7.51
N PHE C 60 8.52 1.87 7.42
CA PHE C 60 9.38 1.58 6.28
C PHE C 60 9.85 0.13 6.25
N PHE C 61 10.05 -0.46 7.43
CA PHE C 61 10.37 -1.88 7.51
C PHE C 61 9.17 -2.73 7.04
N ALA C 62 7.97 -2.21 7.23
CA ALA C 62 6.74 -2.88 6.77
C ALA C 62 6.61 -2.85 5.25
N LEU C 63 7.09 -1.77 4.63
CA LEU C 63 7.12 -1.68 3.17
C LEU C 63 7.94 -2.82 2.58
N VAL C 64 9.14 -3.01 3.13
CA VAL C 64 10.06 -4.07 2.69
C VAL C 64 9.50 -5.45 2.92
N THR C 65 9.07 -5.71 4.16
CA THR C 65 8.58 -7.02 4.59
C THR C 65 7.37 -7.48 3.77
N ASN C 66 6.54 -6.53 3.35
CA ASN C 66 5.33 -6.83 2.59
C ASN C 66 5.53 -6.79 1.06
N GLY C 67 6.73 -6.39 0.63
CA GLY C 67 7.05 -6.28 -0.80
C GLY C 67 6.16 -5.28 -1.51
N VAL C 68 6.13 -4.06 -0.99
CA VAL C 68 5.19 -3.03 -1.44
C VAL C 68 5.88 -1.66 -1.46
N ARG C 69 5.53 -0.83 -2.43
CA ARG C 69 6.26 0.43 -2.67
C ARG C 69 5.63 1.66 -2.00
N ALA C 70 4.36 1.56 -1.61
CA ALA C 70 3.63 2.68 -1.03
C ALA C 70 2.49 2.23 -0.14
N ALA C 71 2.04 3.10 0.75
CA ALA C 71 0.96 2.78 1.69
C ALA C 71 0.09 3.99 1.99
N PRO C 72 -1.25 3.85 1.83
CA PRO C 72 -2.15 4.92 2.29
C PRO C 72 -2.00 5.18 3.79
N LEU C 73 -2.16 6.44 4.18
CA LEU C 73 -2.02 6.86 5.57
C LEU C 73 -3.37 7.16 6.18
N TRP C 74 -3.71 6.46 7.27
CA TRP C 74 -4.97 6.64 7.98
C TRP C 74 -4.79 7.47 9.24
N ASP C 75 -5.57 8.53 9.35
CA ASP C 75 -5.59 9.37 10.54
C ASP C 75 -6.82 8.99 11.36
N SER C 76 -6.58 8.34 12.49
CA SER C 76 -7.64 7.84 13.35
C SER C 76 -8.52 8.95 13.94
N LYS C 77 -7.89 10.04 14.36
CA LYS C 77 -8.61 11.20 14.91
C LYS C 77 -9.62 11.79 13.92
N LYS C 78 -9.21 11.87 12.64
CA LYS C 78 -10.04 12.45 11.57
C LYS C 78 -10.92 11.41 10.87
N GLN C 79 -10.62 10.13 11.10
CA GLN C 79 -11.31 9.02 10.43
C GLN C 79 -11.25 9.19 8.92
N SER C 80 -10.03 9.41 8.41
CA SER C 80 -9.82 9.70 7.00
C SER C 80 -8.43 9.32 6.53
N PHE C 81 -8.31 9.01 5.24
CA PHE C 81 -7.01 8.92 4.60
C PHE C 81 -6.50 10.35 4.39
N VAL C 82 -5.23 10.58 4.69
CA VAL C 82 -4.66 11.92 4.62
C VAL C 82 -3.41 12.01 3.73
N GLY C 83 -2.94 10.88 3.22
CA GLY C 83 -1.73 10.86 2.40
C GLY C 83 -1.20 9.46 2.11
N MET C 84 0.03 9.44 1.59
CA MET C 84 0.71 8.21 1.21
C MET C 84 2.12 8.23 1.80
N LEU C 85 2.62 7.06 2.17
CA LEU C 85 4.01 6.91 2.59
C LEU C 85 4.76 6.14 1.53
N THR C 86 5.75 6.78 0.91
CA THR C 86 6.49 6.22 -0.22
C THR C 86 8.00 6.23 0.03
N ILE C 87 8.77 5.69 -0.91
CA ILE C 87 10.22 5.67 -0.77
C ILE C 87 10.80 7.09 -0.85
N THR C 88 10.10 7.99 -1.56
CA THR C 88 10.49 9.40 -1.56
C THR C 88 10.49 9.98 -0.13
N ASP C 89 9.50 9.57 0.67
CA ASP C 89 9.45 9.92 2.09
C ASP C 89 10.68 9.38 2.81
N PHE C 90 11.00 8.12 2.54
CA PHE C 90 12.17 7.45 3.11
C PHE C 90 13.48 8.13 2.74
N ILE C 91 13.62 8.49 1.47
CA ILE C 91 14.78 9.25 1.01
C ILE C 91 14.93 10.56 1.80
N ASN C 92 13.86 11.35 1.83
CA ASN C 92 13.86 12.61 2.56
C ASN C 92 14.17 12.48 4.06
N ILE C 93 13.58 11.47 4.70
CA ILE C 93 13.83 11.25 6.12
C ILE C 93 15.28 10.80 6.41
N LEU C 94 15.82 9.92 5.58
CA LEU C 94 17.20 9.45 5.72
C LEU C 94 18.20 10.57 5.55
N HIS C 95 17.97 11.41 4.54
CA HIS C 95 18.78 12.58 4.28
C HIS C 95 18.83 13.51 5.50
N ARG C 96 17.66 13.82 6.07
CA ARG C 96 17.55 14.63 7.27
C ARG C 96 18.15 13.94 8.48
N TYR C 97 18.00 12.62 8.56
CA TYR C 97 18.55 11.83 9.65
C TYR C 97 20.08 11.91 9.66
N TYR C 98 20.67 11.81 8.46
CA TYR C 98 22.13 11.82 8.32
C TYR C 98 22.73 13.15 8.73
N LYS C 99 22.13 14.25 8.28
CA LYS C 99 22.64 15.58 8.59
C LYS C 99 22.47 15.94 10.07
N SER C 100 21.34 15.54 10.64
CA SER C 100 21.04 15.80 12.05
C SER C 100 21.99 15.06 12.97
N ALA C 101 22.35 13.84 12.60
CA ALA C 101 23.25 13.00 13.40
C ALA C 101 24.65 13.60 13.52
N LEU C 102 25.12 14.25 12.46
CA LEU C 102 26.42 14.93 12.46
C LEU C 102 26.45 16.14 13.37
N VAL C 103 25.28 16.48 13.90
CA VAL C 103 25.05 17.68 14.69
C VAL C 103 24.31 17.27 15.96
N GLN C 104 24.39 15.96 16.23
CA GLN C 104 23.91 15.33 17.47
C GLN C 104 22.41 15.53 17.74
N ILE C 105 21.63 15.61 16.68
CA ILE C 105 20.17 15.63 16.77
C ILE C 105 19.63 14.28 16.30
N TYR C 106 18.93 13.59 17.19
CA TYR C 106 18.40 12.25 16.94
C TYR C 106 16.93 12.20 17.35
N GLU C 107 16.06 12.49 16.38
CA GLU C 107 14.62 12.53 16.62
C GLU C 107 13.93 11.55 15.67
N LEU C 108 14.06 11.84 14.38
CA LEU C 108 13.32 11.17 13.32
C LEU C 108 13.12 9.67 13.55
N GLU C 109 14.16 8.99 14.00
CA GLU C 109 14.08 7.53 14.14
C GLU C 109 13.04 7.06 15.15
N GLU C 110 12.65 7.94 16.06
CA GLU C 110 11.51 7.66 16.95
C GLU C 110 10.30 8.57 16.65
N HIS C 111 10.36 9.26 15.52
CA HIS C 111 9.22 9.99 14.98
C HIS C 111 8.12 9.01 14.60
N LYS C 112 6.88 9.40 14.87
CA LYS C 112 5.75 8.72 14.29
C LYS C 112 5.39 9.43 12.98
N ILE C 113 4.57 8.79 12.16
CA ILE C 113 4.22 9.31 10.85
C ILE C 113 3.67 10.73 10.92
N GLU C 114 2.76 10.97 11.87
CA GLU C 114 2.16 12.30 12.02
C GLU C 114 3.18 13.40 12.36
N THR C 115 4.20 13.06 13.14
CA THR C 115 5.22 14.05 13.52
C THR C 115 6.16 14.37 12.35
N TRP C 116 6.51 13.35 11.57
CA TRP C 116 7.32 13.54 10.37
C TRP C 116 6.59 14.39 9.33
N ARG C 117 5.29 14.12 9.15
CA ARG C 117 4.46 14.90 8.24
C ARG C 117 4.29 16.35 8.69
N GLU C 118 4.30 16.54 10.01
CA GLU C 118 4.17 17.87 10.60
C GLU C 118 5.41 18.69 10.29
N VAL C 119 6.55 18.01 10.24
CA VAL C 119 7.84 18.64 10.00
C VAL C 119 7.93 19.30 8.63
N TYR C 120 7.62 18.56 7.58
CA TYR C 120 8.12 18.93 6.26
C TYR C 120 7.43 20.09 5.52
N LEU C 121 6.13 20.26 5.70
CA LEU C 121 5.44 21.41 5.09
C LEU C 121 4.55 22.12 6.10
N GLN C 122 3.46 21.45 6.45
CA GLN C 122 2.45 21.97 7.39
C GLN C 122 2.02 23.43 7.13
N ASP C 123 1.11 23.57 6.16
CA ASP C 123 0.56 24.87 5.73
C ASP C 123 1.67 25.87 5.34
N SER C 124 2.43 25.65 4.25
CA SER C 124 2.21 24.69 3.14
C SER C 124 1.58 23.32 3.42
N PHE C 125 0.35 23.12 2.92
CA PHE C 125 -0.41 21.90 3.18
C PHE C 125 -0.89 21.24 1.88
N LYS C 126 -0.55 19.95 1.73
CA LYS C 126 -0.94 19.16 0.56
C LYS C 126 -1.94 18.07 0.92
N PRO C 127 -3.16 18.14 0.36
CA PRO C 127 -4.17 17.11 0.61
C PRO C 127 -3.91 15.85 -0.21
N LEU C 128 -4.55 14.75 0.17
CA LEU C 128 -4.41 13.49 -0.54
C LEU C 128 -5.04 13.56 -1.94
N VAL C 129 -4.28 13.12 -2.94
CA VAL C 129 -4.76 12.98 -4.30
C VAL C 129 -5.23 11.54 -4.52
N CYS C 130 -6.49 11.39 -4.92
CA CYS C 130 -7.07 10.07 -5.13
C CYS C 130 -8.05 10.11 -6.30
N ILE C 131 -8.55 8.94 -6.70
CA ILE C 131 -9.48 8.85 -7.82
C ILE C 131 -10.54 7.77 -7.60
N SER C 132 -11.71 7.98 -8.18
CA SER C 132 -12.80 7.02 -8.12
C SER C 132 -12.54 5.86 -9.09
N PRO C 133 -12.99 4.63 -8.72
CA PRO C 133 -12.92 3.49 -9.65
C PRO C 133 -13.74 3.72 -10.92
N ASN C 134 -14.73 4.60 -10.85
CA ASN C 134 -15.58 4.91 -12.00
C ASN C 134 -15.08 6.06 -12.87
N ALA C 135 -14.05 6.77 -12.41
CA ALA C 135 -13.43 7.81 -13.21
C ALA C 135 -12.62 7.19 -14.36
N SER C 136 -12.41 7.96 -15.42
CA SER C 136 -11.72 7.47 -16.61
C SER C 136 -10.22 7.32 -16.41
N LEU C 137 -9.62 6.41 -17.17
CA LEU C 137 -8.18 6.22 -17.19
C LEU C 137 -7.45 7.48 -17.65
N PHE C 138 -8.10 8.24 -18.52
CA PHE C 138 -7.60 9.54 -18.95
C PHE C 138 -7.37 10.48 -17.76
N ASP C 139 -8.38 10.58 -16.89
CA ASP C 139 -8.30 11.43 -15.69
C ASP C 139 -7.23 10.96 -14.73
N ALA C 140 -6.99 9.64 -14.71
CA ALA C 140 -5.96 9.06 -13.86
C ALA C 140 -4.58 9.49 -14.31
N VAL C 141 -4.29 9.33 -15.60
CA VAL C 141 -3.03 9.79 -16.18
C VAL C 141 -2.84 11.30 -15.96
N SER C 142 -3.89 12.07 -16.22
CA SER C 142 -3.87 13.53 -16.03
C SER C 142 -3.51 13.94 -14.61
N SER C 143 -4.07 13.21 -13.64
CA SER C 143 -3.84 13.48 -12.22
C SER C 143 -2.40 13.18 -11.80
N LEU C 144 -1.85 12.08 -12.28
CA LEU C 144 -0.46 11.74 -12.02
C LEU C 144 0.49 12.81 -12.53
N ILE C 145 0.25 13.28 -13.75
CA ILE C 145 1.10 14.29 -14.38
C ILE C 145 0.98 15.63 -13.64
N ARG C 146 -0.26 16.07 -13.42
CA ARG C 146 -0.52 17.39 -12.82
C ARG C 146 0.01 17.48 -11.38
N ASN C 147 -0.17 16.42 -10.61
CA ASN C 147 0.23 16.43 -9.20
C ASN C 147 1.69 16.03 -8.96
N LYS C 148 2.36 15.59 -10.03
CA LYS C 148 3.77 15.17 -10.00
C LYS C 148 3.98 14.00 -9.05
N ILE C 149 3.20 12.96 -9.29
CA ILE C 149 3.03 11.87 -8.36
C ILE C 149 3.14 10.53 -9.10
N HIS C 150 3.50 9.48 -8.37
CA HIS C 150 3.64 8.13 -8.95
C HIS C 150 2.64 7.13 -8.37
N ARG C 151 1.88 7.56 -7.36
CA ARG C 151 0.97 6.67 -6.64
C ARG C 151 -0.40 7.31 -6.49
N LEU C 152 -1.39 6.74 -7.18
CA LEU C 152 -2.74 7.29 -7.17
C LEU C 152 -3.73 6.27 -6.58
N PRO C 153 -4.09 6.44 -5.30
CA PRO C 153 -5.05 5.49 -4.72
C PRO C 153 -6.40 5.57 -5.40
N VAL C 154 -6.95 4.40 -5.71
CA VAL C 154 -8.30 4.28 -6.23
C VAL C 154 -9.20 4.05 -5.03
N ILE C 155 -10.05 5.04 -4.75
CA ILE C 155 -10.93 5.01 -3.58
C ILE C 155 -12.39 5.00 -4.01
N ASP C 156 -13.11 3.98 -3.52
CA ASP C 156 -14.53 3.82 -3.77
C ASP C 156 -15.31 4.83 -2.93
N PRO C 157 -16.08 5.72 -3.57
CA PRO C 157 -16.79 6.75 -2.81
C PRO C 157 -17.98 6.24 -1.97
N GLU C 158 -18.52 5.07 -2.33
CA GLU C 158 -19.64 4.48 -1.59
C GLU C 158 -19.23 3.92 -0.23
N SER C 159 -18.10 3.22 -0.20
CA SER C 159 -17.61 2.59 1.02
C SER C 159 -16.47 3.38 1.65
N GLY C 160 -15.79 4.19 0.83
CA GLY C 160 -14.62 4.95 1.26
C GLY C 160 -13.33 4.14 1.27
N ASN C 161 -13.41 2.87 0.86
CA ASN C 161 -12.26 1.98 0.86
C ASN C 161 -11.28 2.27 -0.27
N THR C 162 -9.99 2.16 0.03
CA THR C 162 -8.97 2.14 -1.00
C THR C 162 -8.94 0.74 -1.59
N LEU C 163 -9.04 0.67 -2.92
CA LEU C 163 -9.10 -0.60 -3.63
C LEU C 163 -7.76 -1.02 -4.20
N TYR C 164 -6.97 -0.04 -4.63
CA TYR C 164 -5.78 -0.32 -5.41
C TYR C 164 -4.93 0.93 -5.55
N ILE C 165 -3.63 0.76 -5.68
CA ILE C 165 -2.73 1.88 -5.95
C ILE C 165 -2.31 1.85 -7.43
N LEU C 166 -2.74 2.87 -8.16
CA LEU C 166 -2.51 2.91 -9.60
C LEU C 166 -1.19 3.61 -9.92
N THR C 167 -0.51 3.09 -10.95
CA THR C 167 0.85 3.50 -11.27
C THR C 167 1.04 3.70 -12.79
N HIS C 168 2.09 4.42 -13.17
CA HIS C 168 2.51 4.56 -14.56
C HIS C 168 2.74 3.20 -15.21
N LYS C 169 3.47 2.33 -14.50
CA LYS C 169 3.85 1.02 -15.03
C LYS C 169 2.63 0.21 -15.43
N ARG C 170 1.65 0.17 -14.54
CA ARG C 170 0.40 -0.56 -14.76
C ARG C 170 -0.38 0.03 -15.93
N ILE C 171 -0.48 1.36 -15.98
CA ILE C 171 -1.25 2.02 -17.03
C ILE C 171 -0.64 1.75 -18.41
N LEU C 172 0.67 1.92 -18.56
CA LEU C 172 1.31 1.67 -19.85
C LEU C 172 1.11 0.22 -20.31
N LYS C 173 1.27 -0.72 -19.37
CA LYS C 173 1.11 -2.13 -19.70
C LYS C 173 -0.29 -2.41 -20.24
N PHE C 174 -1.29 -1.84 -19.58
CA PHE C 174 -2.69 -1.98 -19.98
C PHE C 174 -2.91 -1.46 -21.40
N LEU C 175 -2.38 -0.27 -21.66
CA LEU C 175 -2.48 0.35 -22.99
C LEU C 175 -1.85 -0.52 -24.07
N LYS C 176 -0.59 -0.92 -23.85
CA LYS C 176 0.13 -1.76 -24.79
C LYS C 176 -0.67 -3.02 -25.17
N LEU C 177 -1.27 -3.64 -24.15
CA LEU C 177 -1.97 -4.91 -24.32
C LEU C 177 -3.33 -4.80 -25.00
N PHE C 178 -4.14 -3.84 -24.59
CA PHE C 178 -5.53 -3.79 -25.02
C PHE C 178 -5.82 -2.93 -26.26
N ILE C 179 -4.79 -2.28 -26.79
CA ILE C 179 -4.92 -1.57 -28.05
C ILE C 179 -4.27 -2.38 -29.18
N THR C 180 -5.08 -2.74 -30.16
CA THR C 180 -4.61 -3.45 -31.35
C THR C 180 -3.44 -2.69 -31.97
N GLU C 181 -2.40 -3.42 -32.37
CA GLU C 181 -1.21 -2.81 -32.97
C GLU C 181 -1.57 -1.84 -34.10
N PHE C 182 -2.51 -2.24 -34.96
CA PHE C 182 -2.89 -1.34 -36.02
C PHE C 182 -4.00 -0.34 -35.69
N PRO C 183 -4.68 0.24 -36.71
CA PRO C 183 -4.89 1.68 -36.59
C PRO C 183 -3.76 2.34 -35.78
N LYS C 184 -2.56 2.35 -36.39
CA LYS C 184 -1.35 2.85 -35.75
C LYS C 184 -1.06 4.28 -36.21
N PRO C 185 -0.89 5.21 -35.25
CA PRO C 185 -0.60 6.60 -35.57
C PRO C 185 0.80 6.78 -36.15
N GLU C 186 1.01 7.87 -36.89
CA GLU C 186 2.29 8.14 -37.54
C GLU C 186 3.43 8.30 -36.53
N PHE C 187 3.13 8.87 -35.36
CA PHE C 187 4.16 9.18 -34.35
C PHE C 187 4.80 7.96 -33.68
N MET C 188 4.16 6.80 -33.79
CA MET C 188 4.71 5.55 -33.25
C MET C 188 6.01 5.14 -33.96
N SER C 189 6.11 5.51 -35.24
CA SER C 189 7.27 5.21 -36.08
C SER C 189 8.37 6.26 -35.98
N LYS C 190 8.11 7.34 -35.25
CA LYS C 190 9.08 8.42 -35.09
C LYS C 190 10.00 8.20 -33.89
N SER C 191 11.24 8.66 -34.02
CA SER C 191 12.26 8.46 -32.99
C SER C 191 12.05 9.38 -31.79
N LEU C 192 12.65 9.02 -30.66
CA LEU C 192 12.62 9.86 -29.45
C LEU C 192 13.13 11.27 -29.71
N GLU C 193 14.19 11.37 -30.50
CA GLU C 193 14.79 12.65 -30.85
C GLU C 193 13.84 13.54 -31.65
N GLU C 194 13.09 12.93 -32.58
CA GLU C 194 12.07 13.64 -33.36
C GLU C 194 10.94 14.18 -32.50
N LEU C 195 10.48 13.36 -31.56
CA LEU C 195 9.31 13.68 -30.74
C LEU C 195 9.67 14.44 -29.45
N GLN C 196 10.96 14.43 -29.11
CA GLN C 196 11.51 15.06 -27.90
C GLN C 196 10.84 14.59 -26.60
N ILE C 197 10.84 13.27 -26.45
CA ILE C 197 10.35 12.57 -25.27
C ILE C 197 11.56 12.14 -24.46
N GLY C 198 11.59 12.54 -23.19
CA GLY C 198 12.71 12.24 -22.31
C GLY C 198 13.44 13.49 -21.88
N THR C 199 14.42 13.31 -21.01
CA THR C 199 15.27 14.40 -20.52
C THR C 199 16.68 14.16 -21.03
N TYR C 200 17.29 15.21 -21.59
CA TYR C 200 18.60 15.12 -22.23
C TYR C 200 19.55 16.23 -21.83
N ALA C 201 19.33 16.78 -20.64
CA ALA C 201 20.13 17.89 -20.13
C ALA C 201 20.13 17.86 -18.62
N ASN C 202 21.28 18.19 -18.03
CA ASN C 202 21.46 18.21 -16.58
C ASN C 202 20.98 16.91 -15.91
N ILE C 203 21.53 15.79 -16.38
CA ILE C 203 21.16 14.48 -15.85
C ILE C 203 21.81 14.24 -14.51
N ALA C 204 21.00 13.94 -13.49
CA ALA C 204 21.49 13.57 -12.18
C ALA C 204 22.13 12.18 -12.24
N MET C 205 23.43 12.13 -11.96
CA MET C 205 24.22 10.89 -12.01
C MET C 205 25.14 10.81 -10.81
N VAL C 206 25.61 9.59 -10.54
CA VAL C 206 26.62 9.37 -9.51
C VAL C 206 27.78 8.58 -10.10
N ARG C 207 28.87 8.52 -9.36
CA ARG C 207 30.02 7.73 -9.78
C ARG C 207 30.09 6.43 -8.99
N THR C 208 30.95 5.53 -9.46
CA THR C 208 31.13 4.22 -8.84
C THR C 208 31.47 4.32 -7.34
N THR C 209 32.25 5.34 -6.96
CA THR C 209 32.73 5.53 -5.59
C THR C 209 31.85 6.45 -4.73
N THR C 210 30.83 7.06 -5.33
CA THR C 210 29.97 8.03 -4.65
C THR C 210 29.26 7.43 -3.43
N PRO C 211 29.48 8.01 -2.24
CA PRO C 211 28.80 7.55 -1.03
C PRO C 211 27.28 7.69 -1.10
N VAL C 212 26.59 6.77 -0.45
CA VAL C 212 25.12 6.71 -0.43
C VAL C 212 24.49 8.04 0.04
N TYR C 213 25.05 8.65 1.07
CA TYR C 213 24.49 9.90 1.62
C TYR C 213 24.52 11.04 0.59
N VAL C 214 25.56 11.08 -0.24
CA VAL C 214 25.62 12.05 -1.34
C VAL C 214 24.50 11.77 -2.36
N ALA C 215 24.31 10.49 -2.69
CA ALA C 215 23.26 10.07 -3.61
C ALA C 215 21.86 10.49 -3.15
N LEU C 216 21.57 10.30 -1.86
CA LEU C 216 20.30 10.72 -1.27
C LEU C 216 20.08 12.22 -1.42
N GLY C 217 21.12 13.01 -1.13
CA GLY C 217 21.09 14.45 -1.34
C GLY C 217 20.75 14.84 -2.77
N ILE C 218 21.28 14.08 -3.73
CA ILE C 218 20.97 14.28 -5.14
C ILE C 218 19.50 13.94 -5.44
N PHE C 219 18.99 12.88 -4.81
CA PHE C 219 17.58 12.49 -4.95
C PHE C 219 16.67 13.63 -4.48
N VAL C 220 16.95 14.13 -3.27
CA VAL C 220 16.19 15.22 -2.65
C VAL C 220 16.23 16.51 -3.49
N GLN C 221 17.39 16.85 -4.02
CA GLN C 221 17.54 18.10 -4.77
C GLN C 221 16.88 18.07 -6.16
N HIS C 222 16.93 16.93 -6.84
CA HIS C 222 16.43 16.84 -8.20
C HIS C 222 15.04 16.21 -8.37
N ARG C 223 14.50 15.63 -7.30
CA ARG C 223 13.18 14.95 -7.30
C ARG C 223 13.09 13.94 -8.45
N VAL C 224 14.04 13.02 -8.45
CA VAL C 224 14.24 12.09 -9.54
C VAL C 224 14.26 10.68 -8.96
N SER C 225 13.76 9.68 -9.70
CA SER C 225 13.56 8.36 -9.09
C SER C 225 14.68 7.34 -9.33
N ALA C 226 15.66 7.69 -10.17
CA ALA C 226 16.83 6.84 -10.39
C ALA C 226 18.06 7.63 -10.83
N LEU C 227 19.23 7.13 -10.46
CA LEU C 227 20.49 7.76 -10.81
C LEU C 227 21.41 6.78 -11.53
N PRO C 228 21.82 7.11 -12.76
CA PRO C 228 22.77 6.24 -13.43
C PRO C 228 24.12 6.28 -12.72
N VAL C 229 24.77 5.12 -12.66
CA VAL C 229 26.11 5.01 -12.08
C VAL C 229 27.09 4.94 -13.23
N VAL C 230 28.01 5.91 -13.30
CA VAL C 230 28.96 5.99 -14.42
C VAL C 230 30.43 5.83 -14.01
N ASP C 231 31.26 5.43 -14.98
CA ASP C 231 32.70 5.34 -14.79
C ASP C 231 33.38 6.69 -15.08
N GLU C 232 34.71 6.70 -15.14
CA GLU C 232 35.46 7.93 -15.39
C GLU C 232 35.26 8.51 -16.80
N LYS C 233 34.75 7.71 -17.73
CA LYS C 233 34.50 8.16 -19.10
C LYS C 233 33.01 8.46 -19.34
N GLY C 234 32.23 8.50 -18.27
CA GLY C 234 30.80 8.82 -18.35
C GLY C 234 29.93 7.70 -18.89
N ARG C 235 30.50 6.49 -18.98
CA ARG C 235 29.75 5.32 -19.42
C ARG C 235 28.96 4.73 -18.26
N VAL C 236 27.72 4.36 -18.51
CA VAL C 236 26.85 3.76 -17.50
C VAL C 236 27.28 2.33 -17.21
N VAL C 237 27.50 2.01 -15.94
CA VAL C 237 27.84 0.65 -15.52
C VAL C 237 26.76 0.04 -14.63
N ASP C 238 25.98 0.90 -13.97
CA ASP C 238 24.86 0.45 -13.14
C ASP C 238 23.86 1.58 -12.93
N ILE C 239 22.88 1.33 -12.07
CA ILE C 239 21.83 2.28 -11.76
C ILE C 239 21.48 2.23 -10.27
N TYR C 240 21.36 3.39 -9.64
CA TYR C 240 20.96 3.47 -8.24
C TYR C 240 19.56 4.09 -8.16
N SER C 241 18.59 3.28 -7.74
CA SER C 241 17.20 3.70 -7.76
C SER C 241 16.47 3.49 -6.44
N LYS C 242 15.18 3.82 -6.45
CA LYS C 242 14.34 3.71 -5.25
C LYS C 242 14.27 2.30 -4.68
N PHE C 243 14.37 1.29 -5.53
CA PHE C 243 14.46 -0.10 -5.07
C PHE C 243 15.67 -0.31 -4.16
N ASP C 244 16.81 0.26 -4.56
CA ASP C 244 18.04 0.12 -3.78
C ASP C 244 17.98 0.87 -2.46
N VAL C 245 17.17 1.93 -2.40
CA VAL C 245 17.08 2.76 -1.19
C VAL C 245 16.31 2.07 -0.05
N ILE C 246 15.15 1.47 -0.33
CA ILE C 246 14.41 0.77 0.75
C ILE C 246 15.10 -0.47 1.27
N ASN C 247 16.08 -0.97 0.53
CA ASN C 247 16.92 -2.06 1.02
C ASN C 247 17.68 -1.66 2.28
N LEU C 248 17.95 -0.36 2.44
CA LEU C 248 18.56 0.16 3.66
C LEU C 248 17.65 0.03 4.87
N ALA C 249 16.35 -0.09 4.63
CA ALA C 249 15.38 -0.36 5.70
C ALA C 249 15.36 -1.83 6.09
N ALA C 250 15.64 -2.72 5.13
CA ALA C 250 15.67 -4.16 5.37
C ALA C 250 16.83 -4.53 6.27
N GLU C 251 18.05 -4.39 5.76
CA GLU C 251 19.26 -4.45 6.57
C GLU C 251 19.14 -3.39 7.63
N LYS C 252 19.57 -3.69 8.85
CA LYS C 252 19.55 -2.70 9.92
C LYS C 252 20.69 -1.69 9.76
N THR C 253 20.86 -1.18 8.53
CA THR C 253 21.91 -0.21 8.22
C THR C 253 21.66 1.12 8.94
N TYR C 254 21.08 2.10 8.24
CA TYR C 254 20.89 3.46 8.78
C TYR C 254 22.21 4.13 9.19
N ASN C 255 23.24 3.31 9.40
CA ASN C 255 24.54 3.78 9.88
C ASN C 255 25.54 3.93 8.73
N ASN C 256 25.72 2.84 7.98
CA ASN C 256 26.71 2.78 6.90
C ASN C 256 26.24 3.51 5.65
N LEU C 257 26.01 4.81 5.78
CA LEU C 257 25.62 5.63 4.63
C LEU C 257 26.86 6.25 3.98
N ASP C 258 28.01 6.00 4.59
CA ASP C 258 29.28 6.50 4.10
C ASP C 258 29.92 5.59 3.06
N VAL C 259 29.36 4.38 2.91
CA VAL C 259 29.85 3.42 1.91
C VAL C 259 29.49 3.87 0.49
N SER C 260 30.24 3.37 -0.49
CA SER C 260 29.99 3.69 -1.89
C SER C 260 28.65 3.12 -2.37
N VAL C 261 28.16 3.68 -3.47
CA VAL C 261 26.97 3.16 -4.15
C VAL C 261 27.20 1.71 -4.59
N THR C 262 28.40 1.41 -5.09
CA THR C 262 28.78 0.07 -5.52
C THR C 262 28.65 -0.95 -4.38
N LYS C 263 29.15 -0.59 -3.19
CA LYS C 263 29.02 -1.42 -2.00
C LYS C 263 27.57 -1.66 -1.64
N ALA C 264 26.75 -0.62 -1.77
CA ALA C 264 25.32 -0.71 -1.51
C ALA C 264 24.60 -1.59 -2.53
N LEU C 265 25.17 -1.73 -3.72
CA LEU C 265 24.58 -2.53 -4.78
C LEU C 265 24.98 -4.01 -4.73
N GLN C 266 25.84 -4.36 -3.78
CA GLN C 266 26.25 -5.75 -3.56
C GLN C 266 25.10 -6.65 -3.13
N HIS C 267 24.02 -6.04 -2.62
CA HIS C 267 22.83 -6.79 -2.22
C HIS C 267 22.14 -7.45 -3.42
N ARG C 268 22.55 -7.07 -4.62
CA ARG C 268 22.07 -7.68 -5.86
C ARG C 268 23.19 -7.85 -6.89
N SER C 269 24.38 -8.19 -6.40
CA SER C 269 25.57 -8.45 -7.24
C SER C 269 25.30 -9.62 -8.21
N HIS C 270 24.82 -10.74 -7.66
CA HIS C 270 24.33 -11.86 -8.46
C HIS C 270 22.92 -11.54 -8.96
N TYR C 271 22.46 -12.29 -9.96
CA TYR C 271 21.14 -12.11 -10.58
C TYR C 271 20.94 -10.72 -11.20
N PHE C 272 22.00 -10.18 -11.80
CA PHE C 272 21.99 -8.84 -12.38
C PHE C 272 22.72 -8.85 -13.73
N GLU C 273 21.96 -8.65 -14.80
CA GLU C 273 22.53 -8.62 -16.15
C GLU C 273 23.30 -7.33 -16.38
N GLY C 274 22.56 -6.23 -16.45
CA GLY C 274 23.13 -4.90 -16.65
C GLY C 274 22.00 -3.89 -16.74
N VAL C 275 22.37 -2.64 -16.99
CA VAL C 275 21.38 -1.58 -17.11
C VAL C 275 20.67 -1.65 -18.46
N LEU C 276 19.34 -1.46 -18.43
CA LEU C 276 18.54 -1.42 -19.63
C LEU C 276 18.61 -0.04 -20.27
N LYS C 277 19.09 -0.02 -21.50
CA LYS C 277 19.41 1.20 -22.21
C LYS C 277 18.55 1.35 -23.45
N CYS C 278 18.64 2.53 -24.07
CA CYS C 278 18.06 2.76 -25.39
C CYS C 278 18.88 3.81 -26.12
N TYR C 279 18.57 4.03 -27.39
CA TYR C 279 19.22 5.08 -28.17
C TYR C 279 18.21 6.14 -28.58
N LEU C 280 18.70 7.34 -28.85
CA LEU C 280 17.89 8.49 -29.26
C LEU C 280 17.08 8.24 -30.53
N HIS C 281 17.55 7.33 -31.37
CA HIS C 281 16.98 7.16 -32.70
C HIS C 281 16.02 5.98 -32.81
N GLU C 282 15.75 5.33 -31.68
CA GLU C 282 14.76 4.27 -31.62
C GLU C 282 13.35 4.87 -31.67
N THR C 283 12.43 4.12 -32.29
CA THR C 283 11.04 4.54 -32.38
C THR C 283 10.37 4.48 -31.01
N LEU C 284 9.33 5.29 -30.84
CA LEU C 284 8.49 5.26 -29.64
C LEU C 284 7.93 3.86 -29.40
N GLU C 285 7.46 3.22 -30.47
CA GLU C 285 6.96 1.84 -30.41
C GLU C 285 7.95 0.89 -29.77
N ALA C 286 9.19 0.86 -30.28
CA ALA C 286 10.24 -0.02 -29.75
C ALA C 286 10.52 0.22 -28.27
N ILE C 287 10.48 1.49 -27.86
CA ILE C 287 10.77 1.85 -26.48
C ILE C 287 9.62 1.54 -25.53
N ILE C 288 8.39 1.83 -25.96
CA ILE C 288 7.20 1.39 -25.24
C ILE C 288 7.26 -0.13 -25.06
N ASN C 289 7.54 -0.85 -26.14
CA ASN C 289 7.66 -2.32 -26.08
C ASN C 289 8.73 -2.79 -25.10
N ARG C 290 9.90 -2.16 -25.12
CA ARG C 290 10.98 -2.51 -24.19
C ARG C 290 10.61 -2.22 -22.73
N LEU C 291 10.04 -1.03 -22.46
CA LEU C 291 9.63 -0.66 -21.11
C LEU C 291 8.58 -1.61 -20.53
N VAL C 292 7.58 -1.94 -21.35
CA VAL C 292 6.50 -2.86 -20.96
C VAL C 292 7.03 -4.27 -20.70
N GLU C 293 7.78 -4.82 -21.64
CA GLU C 293 8.32 -6.18 -21.52
C GLU C 293 9.28 -6.33 -20.32
N ALA C 294 10.10 -5.30 -20.09
CA ALA C 294 11.09 -5.32 -19.00
C ALA C 294 10.51 -5.01 -17.61
N GLU C 295 9.33 -4.38 -17.57
CA GLU C 295 8.66 -4.02 -16.31
C GLU C 295 9.51 -3.06 -15.47
N VAL C 296 10.15 -2.12 -16.16
CA VAL C 296 11.09 -1.17 -15.58
C VAL C 296 10.53 0.25 -15.76
N HIS C 297 10.91 1.16 -14.86
CA HIS C 297 10.36 2.53 -14.86
C HIS C 297 11.05 3.47 -15.85
N ARG C 298 12.28 3.18 -16.24
CA ARG C 298 12.99 4.05 -17.19
C ARG C 298 14.09 3.32 -17.95
N LEU C 299 14.44 3.89 -19.10
CA LEU C 299 15.63 3.48 -19.83
C LEU C 299 16.63 4.61 -19.78
N VAL C 300 17.90 4.24 -19.65
CA VAL C 300 18.98 5.20 -19.74
C VAL C 300 19.28 5.39 -21.23
N VAL C 301 19.13 6.62 -21.71
CA VAL C 301 19.48 6.95 -23.09
C VAL C 301 20.99 7.09 -23.21
N VAL C 302 21.53 6.46 -24.24
CA VAL C 302 22.96 6.25 -24.36
C VAL C 302 23.40 6.43 -25.82
N ASP C 303 24.69 6.73 -26.03
CA ASP C 303 25.21 6.82 -27.40
C ASP C 303 25.89 5.51 -27.80
N GLU C 304 26.57 5.54 -28.95
CA GLU C 304 27.27 4.38 -29.51
C GLU C 304 28.26 3.71 -28.54
N HIS C 305 28.76 4.49 -27.59
CA HIS C 305 29.83 4.03 -26.69
C HIS C 305 29.37 3.89 -25.24
N ASP C 306 28.05 3.83 -25.02
CA ASP C 306 27.44 3.69 -23.68
C ASP C 306 27.56 4.91 -22.77
N VAL C 307 27.93 6.06 -23.35
CA VAL C 307 27.94 7.32 -22.62
C VAL C 307 26.50 7.84 -22.46
N VAL C 308 26.13 8.17 -21.23
CA VAL C 308 24.78 8.63 -20.89
C VAL C 308 24.46 9.95 -21.59
N LYS C 309 23.33 9.98 -22.29
CA LYS C 309 22.85 11.19 -22.96
C LYS C 309 21.55 11.70 -22.35
N GLY C 310 20.82 10.80 -21.70
CA GLY C 310 19.59 11.17 -21.03
C GLY C 310 18.81 10.01 -20.44
N ILE C 311 17.55 10.28 -20.11
CA ILE C 311 16.66 9.30 -19.52
C ILE C 311 15.30 9.41 -20.20
N VAL C 312 14.71 8.26 -20.52
CA VAL C 312 13.31 8.21 -20.87
C VAL C 312 12.60 7.37 -19.83
N SER C 313 11.66 8.01 -19.15
CA SER C 313 10.92 7.39 -18.07
C SER C 313 9.47 7.18 -18.46
N LEU C 314 8.77 6.32 -17.72
CA LEU C 314 7.34 6.10 -17.94
C LEU C 314 6.54 7.39 -17.84
N SER C 315 7.07 8.33 -17.06
CA SER C 315 6.48 9.66 -16.90
C SER C 315 6.44 10.42 -18.22
N ASP C 316 7.58 10.44 -18.93
CA ASP C 316 7.68 11.10 -20.23
C ASP C 316 6.76 10.46 -21.27
N ILE C 317 6.72 9.13 -21.29
CA ILE C 317 5.90 8.37 -22.23
C ILE C 317 4.42 8.72 -22.10
N LEU C 318 3.92 8.67 -20.87
CA LEU C 318 2.49 8.87 -20.61
C LEU C 318 2.07 10.31 -20.81
N GLN C 319 2.99 11.24 -20.52
CA GLN C 319 2.75 12.66 -20.81
C GLN C 319 2.64 12.87 -22.32
N ALA C 320 3.46 12.16 -23.08
CA ALA C 320 3.42 12.22 -24.55
C ALA C 320 2.13 11.62 -25.13
N LEU C 321 1.67 10.50 -24.57
CA LEU C 321 0.47 9.83 -25.08
C LEU C 321 -0.82 10.57 -24.75
N VAL C 322 -0.82 11.31 -23.65
CA VAL C 322 -2.00 12.04 -23.18
C VAL C 322 -2.19 13.39 -23.89
N LEU C 323 -1.12 13.93 -24.46
CA LEU C 323 -1.14 15.26 -25.06
C LEU C 323 -1.09 15.27 -26.59
N THR C 324 -0.50 14.23 -27.19
CA THR C 324 -0.40 14.13 -28.65
C THR C 324 -1.56 13.32 -29.25
#